data_6BBQ
#
_entry.id   6BBQ
#
loop_
_entity.id
_entity.type
_entity.pdbx_description
1 polymer 'Cytohesin-3,ADP-ribosylation factor 6'
2 non-polymer "GUANOSINE-5'-TRIPHOSPHATE"
3 non-polymer 'MAGNESIUM ION'
4 non-polymer INOSITOL-(1,3,4,5)-TETRAKISPHOSPHATE
#
_entity_poly.entity_id   1
_entity_poly.type   'polypeptide(L)'
_entity_poly.pdbx_seq_one_letter_code
;MGHHHHHHGSTTQRNKQIAMGRKKFNMDPKKGIQFLIENDLLQSSPEDVAQFLYKGEGLNKTVIGDYLGERDDFNIKVLQ
AFVELHEFADLNLVQALRQFLWSFRLPGEAQKIDRMMEAFASRYCLCNPGVFQSTDTCYVLSFAIIMLNTSLHNHNVRDK
PTAERFITMNRGINEGGDLPEELLRNLYESIKNEPFKIPEDDGNDLTHTFFNPDREGWLLKLGGRVKTWKRRWFILTDNC
LYYFEYTTDKEPRGIIPLENLSIREVEDPRKPNCFELYNPSHKGQVIKACKTEADGRVVEGNHVVYRISAPSPEEKEEWM
KSIKASISRDPFYDMLATRKRRIANKKGKVLSKIFGNKEMRILMLGLDAAGKTTILYKLKLGQSVTTIPTVGFNVETVTY
KNVKFNVWDVGGLDKIRPLWRHYYTGTQGLIFVVDCADRDRIDEARQELHRIINDREMRDAIILIFANKQDLPDAMKPHE
IQEKLGLTRIRDRNWYVQPSCATSGDGLYEGLTWLTSNYK
;
_entity_poly.pdbx_strand_id   A
#
# COMPACT_ATOMS: atom_id res chain seq x y z
N MET A 1 -29.93 18.93 -6.16
CA MET A 1 -29.38 20.31 -6.11
C MET A 1 -29.87 21.17 -7.24
N GLY A 2 -29.92 20.60 -8.47
CA GLY A 2 -30.39 21.33 -9.62
C GLY A 2 -29.20 21.82 -10.40
N HIS A 3 -28.11 22.06 -9.67
CA HIS A 3 -26.86 22.47 -10.23
C HIS A 3 -25.85 21.49 -9.69
N HIS A 4 -25.20 20.70 -10.56
CA HIS A 4 -24.26 19.80 -9.95
C HIS A 4 -22.95 20.52 -9.81
N HIS A 5 -22.83 21.34 -8.74
CA HIS A 5 -21.60 22.04 -8.52
C HIS A 5 -20.76 21.18 -7.64
N HIS A 6 -19.49 20.92 -8.04
CA HIS A 6 -18.72 20.04 -7.23
C HIS A 6 -18.16 20.78 -6.08
N HIS A 7 -18.58 20.37 -4.87
CA HIS A 7 -18.07 20.93 -3.66
C HIS A 7 -17.78 19.78 -2.76
N HIS A 8 -16.62 19.83 -2.09
CA HIS A 8 -16.27 18.80 -1.17
C HIS A 8 -16.43 19.50 0.14
N GLY A 9 -16.52 18.76 1.26
CA GLY A 9 -16.69 19.41 2.51
C GLY A 9 -15.39 19.44 3.22
N SER A 10 -15.12 20.60 3.86
CA SER A 10 -13.90 20.85 4.59
C SER A 10 -13.74 19.81 5.65
N THR A 11 -14.85 19.34 6.28
CA THR A 11 -14.73 18.33 7.31
C THR A 11 -14.05 17.13 6.76
N THR A 12 -14.42 16.72 5.51
CA THR A 12 -13.73 15.58 4.90
C THR A 12 -12.23 15.77 4.83
N GLN A 13 -11.80 16.84 4.14
CA GLN A 13 -10.37 17.08 3.91
C GLN A 13 -9.57 17.35 5.17
N ARG A 14 -10.14 18.12 6.10
CA ARG A 14 -9.45 18.43 7.36
C ARG A 14 -9.23 17.18 8.23
N ASN A 15 -10.27 16.37 8.38
CA ASN A 15 -10.16 15.12 9.13
C ASN A 15 -9.16 14.16 8.48
N LYS A 16 -9.16 14.14 7.14
CA LYS A 16 -8.20 13.33 6.38
C LYS A 16 -6.76 13.76 6.64
N GLN A 17 -6.52 15.07 6.70
CA GLN A 17 -5.18 15.61 6.98
C GLN A 17 -4.76 15.27 8.40
N ILE A 18 -5.69 15.42 9.34
CA ILE A 18 -5.45 15.05 10.73
C ILE A 18 -5.04 13.58 10.81
N ALA A 19 -5.82 12.71 10.18
CA ALA A 19 -5.53 11.27 10.18
C ALA A 19 -4.21 10.96 9.48
N MET A 20 -3.95 11.63 8.35
CA MET A 20 -2.71 11.48 7.61
C MET A 20 -1.50 11.86 8.47
N GLY A 21 -1.59 13.01 9.14
CA GLY A 21 -0.53 13.48 10.03
C GLY A 21 -0.19 12.50 11.13
N ARG A 22 -1.21 11.90 11.74
CA ARG A 22 -1.03 10.90 12.79
C ARG A 22 -0.38 9.64 12.25
N LYS A 23 -0.86 9.17 11.10
CA LYS A 23 -0.32 7.97 10.47
C LYS A 23 1.17 8.16 10.20
N LYS A 24 1.52 9.34 9.68
CA LYS A 24 2.90 9.67 9.35
C LYS A 24 3.79 9.74 10.56
N PHE A 25 3.28 10.39 11.61
CA PHE A 25 3.99 10.49 12.89
C PHE A 25 4.38 9.14 13.44
N ASN A 26 3.43 8.21 13.40
CA ASN A 26 3.63 6.89 14.00
C ASN A 26 4.67 6.04 13.26
N MET A 27 4.92 6.40 12.00
CA MET A 27 5.98 5.74 11.22
C MET A 27 7.30 6.49 11.36
N ASP A 28 7.23 7.82 11.38
CA ASP A 28 8.40 8.67 11.51
C ASP A 28 8.00 10.00 12.16
N PRO A 29 8.36 10.19 13.44
CA PRO A 29 7.86 11.34 14.22
C PRO A 29 8.26 12.70 13.65
N LYS A 30 9.49 12.82 13.15
CA LYS A 30 9.95 14.05 12.51
C LYS A 30 9.11 14.40 11.28
N LYS A 31 8.83 13.40 10.46
CA LYS A 31 8.04 13.58 9.22
C LYS A 31 6.56 13.86 9.47
N GLY A 32 5.98 13.22 10.48
CA GLY A 32 4.60 13.51 10.86
C GLY A 32 4.43 14.94 11.36
N ILE A 33 5.36 15.38 12.20
CA ILE A 33 5.35 16.74 12.75
C ILE A 33 5.51 17.78 11.62
N GLN A 34 6.41 17.52 10.68
CA GLN A 34 6.56 18.40 9.53
C GLN A 34 5.32 18.48 8.64
N PHE A 35 4.64 17.35 8.43
CA PHE A 35 3.40 17.31 7.64
C PHE A 35 2.33 18.16 8.29
N LEU A 36 2.19 18.03 9.62
CA LEU A 36 1.15 18.76 10.34
C LEU A 36 1.40 20.26 10.30
N ILE A 37 2.67 20.64 10.44
CA ILE A 37 3.07 22.06 10.37
C ILE A 37 2.76 22.62 8.97
N GLU A 38 3.16 21.90 7.92
CA GLU A 38 2.91 22.32 6.53
C GLU A 38 1.42 22.42 6.21
N ASN A 39 0.62 21.60 6.87
CA ASN A 39 -0.81 21.58 6.66
C ASN A 39 -1.59 22.47 7.62
N ASP A 40 -0.85 23.36 8.31
CA ASP A 40 -1.44 24.34 9.24
C ASP A 40 -2.28 23.71 10.36
N LEU A 41 -1.85 22.54 10.82
CA LEU A 41 -2.56 21.82 11.88
C LEU A 41 -1.76 21.82 13.17
N LEU A 42 -0.54 22.35 13.10
CA LEU A 42 0.39 22.39 14.22
C LEU A 42 1.32 23.59 14.04
N GLN A 43 1.60 24.31 15.12
CA GLN A 43 2.56 25.41 15.07
C GLN A 43 3.97 24.86 15.31
N SER A 44 4.97 25.61 14.86
CA SER A 44 6.32 25.07 14.71
C SER A 44 7.23 25.22 15.94
N SER A 45 6.76 25.91 16.98
CA SER A 45 7.57 26.13 18.18
C SER A 45 7.73 24.83 19.00
N PRO A 46 8.83 24.72 19.78
CA PRO A 46 9.04 23.58 20.68
C PRO A 46 7.88 23.39 21.65
N GLU A 47 7.33 24.51 22.15
CA GLU A 47 6.19 24.48 23.06
C GLU A 47 4.93 23.92 22.40
N ASP A 48 4.71 24.29 21.14
CA ASP A 48 3.55 23.80 20.39
C ASP A 48 3.69 22.31 20.08
N VAL A 49 4.88 21.89 19.66
CA VAL A 49 5.13 20.48 19.40
C VAL A 49 4.98 19.68 20.71
N ALA A 50 5.44 20.25 21.82
CA ALA A 50 5.33 19.59 23.13
C ALA A 50 3.87 19.35 23.53
N GLN A 51 3.02 20.35 23.30
CA GLN A 51 1.60 20.23 23.61
C GLN A 51 0.95 19.14 22.77
N PHE A 52 1.34 19.09 21.49
CA PHE A 52 0.87 18.06 20.58
C PHE A 52 1.22 16.66 21.09
N LEU A 53 2.47 16.47 21.50
CA LEU A 53 2.94 15.17 22.01
C LEU A 53 2.33 14.81 23.36
N TYR A 54 2.17 15.83 24.20
CA TYR A 54 1.59 15.65 25.53
C TYR A 54 0.12 15.21 25.43
N LYS A 55 -0.66 15.87 24.57
CA LYS A 55 -2.01 15.36 24.28
C LYS A 55 -1.94 13.95 23.67
N GLY A 56 -1.04 13.77 22.69
CA GLY A 56 -0.74 12.46 22.11
C GLY A 56 -1.93 11.71 21.54
N GLU A 57 -2.91 12.46 21.01
CA GLU A 57 -4.13 11.84 20.52
C GLU A 57 -3.86 10.97 19.30
N GLY A 58 -4.07 9.66 19.46
CA GLY A 58 -3.82 8.68 18.40
C GLY A 58 -2.34 8.50 18.07
N LEU A 59 -1.48 8.94 18.99
CA LEU A 59 -0.02 8.81 18.81
C LEU A 59 0.54 7.61 19.56
N ASN A 60 1.46 6.92 18.91
CA ASN A 60 2.18 5.80 19.50
C ASN A 60 3.14 6.34 20.58
N LYS A 61 2.97 5.89 21.82
CA LYS A 61 3.78 6.41 22.95
C LYS A 61 5.26 6.00 22.94
N THR A 62 5.57 4.88 22.28
CA THR A 62 6.96 4.51 22.04
C THR A 62 7.62 5.53 21.08
N VAL A 63 6.89 5.91 20.04
CA VAL A 63 7.37 6.91 19.08
C VAL A 63 7.56 8.29 19.73
N ILE A 64 6.61 8.69 20.59
CA ILE A 64 6.80 9.90 21.39
C ILE A 64 8.12 9.86 22.18
N GLY A 65 8.41 8.73 22.83
CA GLY A 65 9.66 8.59 23.58
C GLY A 65 10.91 8.66 22.71
N ASP A 66 10.82 8.04 21.54
CA ASP A 66 11.93 8.05 20.56
C ASP A 66 12.29 9.48 20.19
N TYR A 67 11.27 10.28 19.87
CA TYR A 67 11.44 11.67 19.47
C TYR A 67 11.97 12.56 20.60
N LEU A 68 11.42 12.42 21.80
CA LEU A 68 11.81 13.26 22.93
C LEU A 68 13.23 13.02 23.43
N GLY A 69 13.75 11.82 23.18
CA GLY A 69 15.06 11.41 23.65
C GLY A 69 16.21 11.90 22.79
N GLU A 70 15.90 12.29 21.55
CA GLU A 70 16.92 12.73 20.57
C GLU A 70 17.78 13.88 21.07
N ARG A 71 19.02 13.95 20.56
CA ARG A 71 19.97 14.96 21.00
C ARG A 71 19.80 16.32 20.28
N ASP A 72 19.01 16.35 19.21
CA ASP A 72 18.76 17.59 18.45
C ASP A 72 18.36 18.77 19.32
N ASP A 73 18.86 19.95 18.97
CA ASP A 73 18.53 21.19 19.67
C ASP A 73 17.02 21.41 19.83
N PHE A 74 16.28 21.19 18.75
CA PHE A 74 14.83 21.34 18.77
C PHE A 74 14.19 20.34 19.72
N ASN A 75 14.59 19.07 19.61
CA ASN A 75 14.06 17.99 20.45
C ASN A 75 14.31 18.19 21.94
N ILE A 76 15.51 18.68 22.26
CA ILE A 76 15.85 19.06 23.63
C ILE A 76 14.88 20.13 24.16
N LYS A 77 14.53 21.08 23.30
CA LYS A 77 13.60 22.12 23.70
C LYS A 77 12.19 21.57 23.86
N VAL A 78 11.79 20.68 22.95
CA VAL A 78 10.48 20.01 23.04
C VAL A 78 10.38 19.22 24.36
N LEU A 79 11.43 18.46 24.67
CA LEU A 79 11.48 17.69 25.92
C LEU A 79 11.27 18.55 27.16
N GLN A 80 11.98 19.68 27.24
CA GLN A 80 11.82 20.55 28.40
C GLN A 80 10.40 21.09 28.51
N ALA A 81 9.81 21.48 27.38
CA ALA A 81 8.42 21.96 27.37
C ALA A 81 7.44 20.84 27.70
N PHE A 82 7.77 19.63 27.26
CA PHE A 82 6.98 18.43 27.54
C PHE A 82 6.92 18.15 29.04
N VAL A 83 8.08 18.16 29.71
CA VAL A 83 8.12 17.95 31.16
C VAL A 83 7.44 19.09 31.92
N GLU A 84 7.49 20.31 31.37
CA GLU A 84 6.83 21.46 32.01
C GLU A 84 5.29 21.37 32.01
N LEU A 85 4.73 20.60 31.08
CA LEU A 85 3.28 20.39 31.02
C LEU A 85 2.79 19.37 32.05
N HIS A 86 3.73 18.68 32.69
CA HIS A 86 3.42 17.77 33.79
C HIS A 86 3.45 18.51 35.12
N GLU A 87 2.38 18.40 35.90
CA GLU A 87 2.36 19.00 37.23
C GLU A 87 2.67 18.00 38.33
N PHE A 88 3.87 18.12 38.91
CA PHE A 88 4.31 17.20 39.95
C PHE A 88 4.18 17.76 41.36
N ALA A 89 3.76 19.01 41.49
CA ALA A 89 3.64 19.62 42.82
C ALA A 89 2.70 18.81 43.70
N ASP A 90 3.10 18.65 44.96
CA ASP A 90 2.30 17.96 45.97
C ASP A 90 2.09 16.48 45.64
N LEU A 91 2.98 15.91 44.85
CA LEU A 91 2.97 14.47 44.59
C LEU A 91 4.27 13.90 45.10
N ASN A 92 4.25 12.68 45.64
CA ASN A 92 5.51 12.02 46.00
C ASN A 92 6.17 11.46 44.74
N LEU A 93 7.40 10.96 44.86
CA LEU A 93 8.16 10.59 43.66
C LEU A 93 7.52 9.44 42.84
N VAL A 94 6.97 8.44 43.52
CA VAL A 94 6.21 7.37 42.82
C VAL A 94 5.02 7.95 42.07
N GLN A 95 4.24 8.81 42.72
CA GLN A 95 3.05 9.39 42.07
C GLN A 95 3.42 10.23 40.84
N ALA A 96 4.52 10.99 40.96
CA ALA A 96 5.03 11.77 39.83
C ALA A 96 5.52 10.85 38.69
N LEU A 97 6.18 9.74 39.05
CA LEU A 97 6.63 8.78 38.06
C LEU A 97 5.47 8.09 37.37
N ARG A 98 4.42 7.76 38.11
CA ARG A 98 3.20 7.19 37.51
C ARG A 98 2.67 8.10 36.40
N GLN A 99 2.62 9.40 36.71
CA GLN A 99 2.12 10.40 35.78
C GLN A 99 2.98 10.53 34.52
N PHE A 100 4.27 10.71 34.73
CA PHE A 100 5.24 10.89 33.66
C PHE A 100 5.28 9.67 32.74
N LEU A 101 5.34 8.49 33.34
CA LEU A 101 5.44 7.24 32.60
C LEU A 101 4.13 6.85 31.90
N TRP A 102 3.06 7.59 32.12
CA TRP A 102 1.85 7.40 31.31
C TRP A 102 1.97 8.10 29.94
N SER A 103 2.80 9.13 29.89
CA SER A 103 2.82 10.04 28.75
C SER A 103 3.65 9.57 27.54
N PHE A 104 4.54 8.61 27.76
CA PHE A 104 5.46 8.11 26.72
C PHE A 104 6.01 6.78 27.21
N ARG A 105 6.69 6.05 26.31
CA ARG A 105 7.42 4.85 26.68
C ARG A 105 8.91 5.11 26.58
N LEU A 106 9.64 4.76 27.62
CA LEU A 106 11.07 5.01 27.67
C LEU A 106 11.78 4.33 26.49
N PRO A 107 12.61 5.09 25.77
CA PRO A 107 13.45 4.51 24.70
C PRO A 107 14.44 3.49 25.25
N GLY A 108 15.10 2.74 24.37
CA GLY A 108 16.00 1.68 24.81
C GLY A 108 17.42 2.13 25.08
N GLU A 109 17.82 3.22 24.45
CA GLU A 109 19.19 3.71 24.49
C GLU A 109 19.49 4.47 25.78
N ALA A 110 20.63 4.16 26.41
CA ALA A 110 20.98 4.70 27.72
C ALA A 110 21.04 6.23 27.74
N GLN A 111 21.63 6.82 26.70
CA GLN A 111 21.78 8.28 26.64
C GLN A 111 20.42 8.98 26.50
N LYS A 112 19.48 8.33 25.83
CA LYS A 112 18.13 8.88 25.66
C LYS A 112 17.35 8.80 26.97
N ILE A 113 17.46 7.66 27.66
CA ILE A 113 16.82 7.48 28.97
C ILE A 113 17.33 8.52 29.95
N ASP A 114 18.65 8.69 29.97
CA ASP A 114 19.30 9.65 30.85
C ASP A 114 18.80 11.08 30.64
N ARG A 115 18.70 11.51 29.37
CA ARG A 115 18.20 12.85 29.07
C ARG A 115 16.76 13.05 29.58
N MET A 116 15.93 12.04 29.36
CA MET A 116 14.53 12.13 29.79
C MET A 116 14.37 12.08 31.31
N MET A 117 15.15 11.22 31.97
CA MET A 117 15.05 11.12 33.42
C MET A 117 15.72 12.29 34.14
N GLU A 118 16.74 12.89 33.51
CA GLU A 118 17.32 14.13 34.05
C GLU A 118 16.29 15.24 33.95
N ALA A 119 15.57 15.29 32.84
CA ALA A 119 14.57 16.33 32.64
C ALA A 119 13.44 16.15 33.65
N PHE A 120 13.05 14.90 33.88
CA PHE A 120 12.02 14.58 34.87
C PHE A 120 12.46 14.97 36.28
N ALA A 121 13.67 14.55 36.66
CA ALA A 121 14.15 14.79 38.02
C ALA A 121 14.26 16.29 38.30
N SER A 122 14.77 17.03 37.31
CA SER A 122 14.87 18.48 37.44
C SER A 122 13.50 19.12 37.67
N ARG A 123 12.51 18.69 36.88
CA ARG A 123 11.13 19.17 37.00
C ARG A 123 10.52 18.80 38.35
N TYR A 124 10.71 17.55 38.78
CA TYR A 124 10.19 17.12 40.07
C TYR A 124 10.72 17.99 41.21
N CYS A 125 12.02 18.23 41.23
CA CYS A 125 12.67 19.01 42.27
C CYS A 125 12.22 20.48 42.27
N LEU A 126 11.96 21.03 41.08
CA LEU A 126 11.43 22.40 41.00
C LEU A 126 10.01 22.47 41.56
N CYS A 127 9.21 21.43 41.28
CA CYS A 127 7.83 21.36 41.75
C CYS A 127 7.72 21.09 43.25
N ASN A 128 8.75 20.46 43.82
CA ASN A 128 8.75 20.00 45.20
C ASN A 128 10.09 20.30 45.87
N PRO A 129 10.36 21.60 46.09
CA PRO A 129 11.66 22.02 46.60
C PRO A 129 11.89 21.52 48.02
N GLY A 130 13.13 21.20 48.32
CA GLY A 130 13.50 20.77 49.67
C GLY A 130 13.30 19.29 49.95
N VAL A 131 12.57 18.58 49.08
CA VAL A 131 12.37 17.14 49.28
C VAL A 131 13.68 16.39 49.10
N PHE A 132 14.39 16.70 48.01
CA PHE A 132 15.65 16.06 47.73
C PHE A 132 16.75 17.11 47.70
N GLN A 133 17.93 16.77 48.22
CA GLN A 133 19.06 17.70 48.29
C GLN A 133 19.71 17.99 46.95
N SER A 134 19.43 17.16 45.94
CA SER A 134 19.93 17.40 44.60
C SER A 134 19.09 16.69 43.55
N THR A 135 19.23 17.13 42.30
CA THR A 135 18.66 16.45 41.15
C THR A 135 19.19 15.02 41.07
N ASP A 136 20.49 14.84 41.33
CA ASP A 136 21.09 13.50 41.33
C ASP A 136 20.37 12.55 42.27
N THR A 137 20.06 13.04 43.47
CA THR A 137 19.35 12.23 44.48
C THR A 137 18.00 11.76 43.92
N CYS A 138 17.27 12.69 43.34
CA CYS A 138 15.96 12.42 42.76
C CYS A 138 16.06 11.41 41.63
N TYR A 139 17.08 11.59 40.77
CA TYR A 139 17.30 10.71 39.61
C TYR A 139 17.61 9.30 40.06
N VAL A 140 18.55 9.17 41.00
CA VAL A 140 18.92 7.86 41.51
C VAL A 140 17.76 7.16 42.23
N LEU A 141 17.02 7.91 43.06
CA LEU A 141 15.86 7.33 43.74
C LEU A 141 14.79 6.89 42.75
N SER A 142 14.63 7.65 41.66
CA SER A 142 13.69 7.26 40.61
C SER A 142 14.04 5.88 40.06
N PHE A 143 15.33 5.64 39.84
CA PHE A 143 15.74 4.32 39.39
C PHE A 143 15.70 3.24 40.46
N ALA A 144 15.87 3.63 41.72
CA ALA A 144 15.65 2.67 42.82
C ALA A 144 14.18 2.24 42.83
N ILE A 145 13.28 3.16 42.53
CA ILE A 145 11.83 2.89 42.49
C ILE A 145 11.52 1.98 41.31
N ILE A 146 12.11 2.30 40.16
CA ILE A 146 11.95 1.46 38.98
C ILE A 146 12.48 0.05 39.22
N MET A 147 13.68 -0.06 39.81
CA MET A 147 14.22 -1.37 40.13
C MET A 147 13.34 -2.13 41.13
N LEU A 148 12.76 -1.39 42.09
CA LEU A 148 11.85 -2.01 43.05
C LEU A 148 10.62 -2.58 42.34
N ASN A 149 10.08 -1.82 41.39
CA ASN A 149 8.93 -2.26 40.61
C ASN A 149 9.23 -3.58 39.91
N THR A 150 10.40 -3.66 39.30
CA THR A 150 10.85 -4.91 38.68
C THR A 150 11.00 -6.03 39.71
N SER A 151 11.71 -5.77 40.80
CA SER A 151 11.95 -6.80 41.83
C SER A 151 10.64 -7.36 42.41
N LEU A 152 9.70 -6.49 42.73
CA LEU A 152 8.44 -6.92 43.34
C LEU A 152 7.50 -7.65 42.36
N HIS A 153 7.48 -7.19 41.12
CA HIS A 153 6.43 -7.58 40.18
C HIS A 153 6.83 -8.51 39.04
N ASN A 154 8.13 -8.66 38.82
CA ASN A 154 8.62 -9.59 37.79
C ASN A 154 8.92 -10.93 38.46
N HIS A 155 8.20 -11.97 38.04
CA HIS A 155 8.33 -13.29 38.66
C HIS A 155 9.74 -13.88 38.54
N ASN A 156 10.52 -13.39 37.58
CA ASN A 156 11.92 -13.83 37.41
C ASN A 156 12.85 -13.39 38.54
N VAL A 157 12.40 -12.45 39.37
CA VAL A 157 13.17 -12.05 40.54
C VAL A 157 12.64 -12.83 41.74
N ARG A 158 13.44 -13.76 42.24
CA ARG A 158 13.00 -14.69 43.30
C ARG A 158 12.81 -14.04 44.67
N ASP A 159 13.83 -13.31 45.14
CA ASP A 159 13.83 -12.72 46.47
C ASP A 159 13.21 -11.33 46.45
N LYS A 160 12.01 -11.20 47.02
CA LYS A 160 11.30 -9.93 46.98
C LYS A 160 11.74 -9.06 48.18
N PRO A 161 12.16 -7.79 47.92
CA PRO A 161 12.62 -6.97 49.04
C PRO A 161 11.48 -6.59 49.99
N THR A 162 11.77 -6.62 51.29
CA THR A 162 10.90 -6.05 52.30
C THR A 162 11.03 -4.53 52.30
N ALA A 163 10.10 -3.85 52.98
CA ALA A 163 10.18 -2.41 53.16
C ALA A 163 11.53 -2.01 53.76
N GLU A 164 11.98 -2.78 54.73
CA GLU A 164 13.23 -2.49 55.46
C GLU A 164 14.44 -2.64 54.57
N ARG A 165 14.44 -3.65 53.70
CA ARG A 165 15.50 -3.77 52.70
C ARG A 165 15.51 -2.54 51.79
N PHE A 166 14.35 -2.12 51.31
CA PHE A 166 14.28 -0.92 50.44
C PHE A 166 14.78 0.35 51.14
N ILE A 167 14.36 0.55 52.39
CA ILE A 167 14.87 1.65 53.20
C ILE A 167 16.40 1.64 53.33
N THR A 168 16.98 0.53 53.77
CA THR A 168 18.43 0.45 53.97
C THR A 168 19.26 0.49 52.67
N MET A 169 18.71 -0.06 51.59
CA MET A 169 19.36 0.02 50.27
C MET A 169 19.62 1.46 49.85
N ASN A 170 18.79 2.38 50.35
CA ASN A 170 18.88 3.78 49.96
C ASN A 170 19.59 4.71 50.95
N ARG A 171 20.26 4.11 51.94
CA ARG A 171 21.09 4.87 52.88
C ARG A 171 22.07 5.75 52.11
N GLY A 172 22.21 6.99 52.56
CA GLY A 172 23.22 7.90 52.03
C GLY A 172 22.86 8.61 50.72
N ILE A 173 21.68 8.32 50.17
CA ILE A 173 21.32 8.79 48.84
C ILE A 173 21.08 10.30 48.77
N ASN A 174 20.73 10.90 49.91
CA ASN A 174 20.38 12.31 49.95
C ASN A 174 21.66 13.15 50.19
N GLU A 175 22.53 13.14 49.17
CA GLU A 175 23.80 13.85 49.21
C GLU A 175 24.64 13.46 50.43
N GLY A 176 24.65 12.17 50.74
CA GLY A 176 25.42 11.66 51.87
C GLY A 176 24.61 11.30 53.08
N GLY A 177 23.43 11.90 53.23
CA GLY A 177 22.56 11.61 54.37
C GLY A 177 21.38 10.76 53.92
N ASP A 178 20.54 10.39 54.88
CA ASP A 178 19.40 9.51 54.61
C ASP A 178 18.13 10.30 54.38
N LEU A 179 17.26 9.77 53.52
CA LEU A 179 15.94 10.34 53.37
C LEU A 179 15.09 9.86 54.53
N PRO A 180 13.95 10.53 54.76
CA PRO A 180 13.04 10.15 55.84
C PRO A 180 12.56 8.72 55.68
N GLU A 181 12.64 7.95 56.77
CA GLU A 181 12.21 6.55 56.77
C GLU A 181 10.80 6.39 56.22
N GLU A 182 9.88 7.25 56.66
CA GLU A 182 8.47 7.11 56.29
C GLU A 182 8.22 7.49 54.83
N LEU A 183 9.04 8.37 54.28
CA LEU A 183 8.97 8.69 52.86
C LEU A 183 9.35 7.45 52.03
N LEU A 184 10.49 6.83 52.33
CA LEU A 184 10.90 5.61 51.63
C LEU A 184 9.86 4.49 51.80
N ARG A 185 9.31 4.38 53.00
CA ARG A 185 8.30 3.36 53.26
C ARG A 185 7.06 3.62 52.40
N ASN A 186 6.65 4.88 52.31
CA ASN A 186 5.47 5.25 51.50
C ASN A 186 5.67 4.88 50.03
N LEU A 187 6.88 5.15 49.52
CA LEU A 187 7.21 4.82 48.13
C LEU A 187 7.17 3.31 47.91
N TYR A 188 7.82 2.58 48.81
CA TYR A 188 7.80 1.12 48.78
C TYR A 188 6.36 0.59 48.76
N GLU A 189 5.56 1.05 49.70
CA GLU A 189 4.18 0.54 49.83
C GLU A 189 3.33 0.84 48.61
N SER A 190 3.52 2.01 48.00
CA SER A 190 2.78 2.37 46.79
C SER A 190 3.07 1.42 45.63
N ILE A 191 4.35 1.16 45.40
CA ILE A 191 4.78 0.25 44.34
C ILE A 191 4.33 -1.19 44.64
N LYS A 192 4.44 -1.61 45.89
CA LYS A 192 4.00 -2.95 46.27
C LYS A 192 2.51 -3.16 46.01
N ASN A 193 1.72 -2.13 46.28
CA ASN A 193 0.26 -2.20 46.10
C ASN A 193 -0.16 -2.11 44.63
N GLU A 194 0.55 -1.29 43.85
CA GLU A 194 0.25 -1.14 42.43
C GLU A 194 1.51 -0.97 41.60
N PRO A 195 1.81 -1.94 40.71
CA PRO A 195 2.92 -1.80 39.78
C PRO A 195 2.73 -0.54 38.94
N PHE A 196 3.80 -0.02 38.34
CA PHE A 196 3.65 1.03 37.35
C PHE A 196 2.76 0.54 36.22
N LYS A 197 1.71 1.30 35.93
CA LYS A 197 0.87 1.03 34.76
C LYS A 197 1.50 1.73 33.57
N ILE A 198 1.81 0.92 32.56
CA ILE A 198 2.56 1.37 31.39
C ILE A 198 1.63 1.33 30.18
N PRO A 199 1.55 2.33 29.34
CA PRO A 199 0.67 2.23 28.20
C PRO A 199 1.22 1.26 27.20
N GLU A 200 0.77 -0.01 27.16
CA GLU A 200 1.34 -0.82 26.10
C GLU A 200 0.81 -0.40 24.75
N ASP A 201 1.74 -0.19 23.78
CA ASP A 201 1.49 0.33 22.47
C ASP A 201 0.67 -0.64 21.67
N ASP A 202 -0.38 -0.14 20.97
CA ASP A 202 -1.26 -0.98 20.20
C ASP A 202 -0.93 -0.96 18.74
N GLY A 203 -1.83 -1.56 17.94
CA GLY A 203 -1.76 -1.58 16.50
C GLY A 203 -3.17 -1.47 16.04
N ASN A 204 -3.41 -0.74 14.92
CA ASN A 204 -4.76 -0.60 14.46
C ASN A 204 -4.83 -1.23 13.11
N ASP A 205 -6.07 -1.54 12.64
CA ASP A 205 -6.34 -2.16 11.36
C ASP A 205 -6.57 -1.12 10.30
N LEU A 206 -6.85 -1.59 9.07
CA LEU A 206 -7.13 -0.74 7.92
C LEU A 206 -8.62 -0.65 7.76
N THR A 207 -9.10 0.49 7.18
CA THR A 207 -10.49 0.80 6.90
C THR A 207 -11.10 -0.02 5.78
N HIS A 208 -10.43 -0.13 4.61
CA HIS A 208 -10.99 -0.75 3.44
C HIS A 208 -10.38 -2.11 3.26
N THR A 209 -10.92 -2.83 2.26
CA THR A 209 -10.33 -4.08 1.86
C THR A 209 -10.21 -4.01 0.36
N PHE A 210 -8.94 -3.97 -0.12
CA PHE A 210 -8.53 -3.94 -1.50
C PHE A 210 -7.13 -4.46 -1.33
N PHE A 211 -6.19 -4.13 -2.24
CA PHE A 211 -4.80 -4.47 -2.14
C PHE A 211 -4.25 -3.42 -1.20
N ASN A 212 -3.14 -3.67 -0.47
CA ASN A 212 -2.55 -2.76 0.50
C ASN A 212 -2.28 -1.46 -0.19
N PRO A 213 -2.88 -0.35 0.15
CA PRO A 213 -2.79 0.73 -0.83
C PRO A 213 -1.76 1.79 -0.45
N ASP A 214 -1.10 2.35 -1.46
CA ASP A 214 -0.15 3.42 -1.27
C ASP A 214 -0.88 4.71 -0.92
N ARG A 215 -2.01 4.93 -1.57
CA ARG A 215 -2.83 6.11 -1.29
C ARG A 215 -4.23 5.88 -1.81
N GLU A 216 -5.20 6.48 -1.14
CA GLU A 216 -6.55 6.48 -1.65
C GLU A 216 -7.22 7.81 -1.31
N GLY A 217 -8.25 8.14 -2.06
CA GLY A 217 -8.95 9.41 -1.87
C GLY A 217 -9.86 9.78 -3.01
N TRP A 218 -10.75 10.74 -2.76
CA TRP A 218 -11.65 11.24 -3.78
C TRP A 218 -10.98 12.28 -4.67
N LEU A 219 -11.17 12.13 -5.97
CA LEU A 219 -10.70 13.11 -6.95
C LEU A 219 -11.76 13.29 -8.00
N LEU A 220 -11.69 14.41 -8.72
CA LEU A 220 -12.51 14.62 -9.91
C LEU A 220 -11.64 14.32 -11.12
N LYS A 221 -12.20 13.59 -12.07
CA LYS A 221 -11.46 13.25 -13.27
C LYS A 221 -12.23 13.58 -14.55
N LEU A 222 -11.47 14.01 -15.55
CA LEU A 222 -12.01 14.35 -16.85
C LEU A 222 -12.03 13.11 -17.74
N GLY A 223 -13.10 12.95 -18.51
CA GLY A 223 -13.29 11.83 -19.44
C GLY A 223 -12.31 11.85 -20.60
N GLY A 224 -12.38 10.81 -21.45
CA GLY A 224 -11.40 10.63 -22.52
C GLY A 224 -11.84 11.35 -23.77
N ARG A 225 -12.66 10.69 -24.58
CA ARG A 225 -13.26 11.30 -25.76
C ARG A 225 -14.30 12.32 -25.33
N VAL A 226 -15.26 11.87 -24.53
CA VAL A 226 -16.29 12.72 -23.93
C VAL A 226 -15.69 13.42 -22.71
N LYS A 227 -15.49 14.74 -22.80
CA LYS A 227 -14.80 15.51 -21.76
C LYS A 227 -15.75 15.91 -20.63
N THR A 228 -16.22 14.92 -19.88
CA THR A 228 -17.04 15.18 -18.70
C THR A 228 -16.26 14.89 -17.42
N TRP A 229 -16.59 15.63 -16.37
CA TRP A 229 -15.96 15.46 -15.06
C TRP A 229 -16.80 14.51 -14.22
N LYS A 230 -16.12 13.60 -13.52
CA LYS A 230 -16.77 12.66 -12.63
C LYS A 230 -16.01 12.59 -11.31
N ARG A 231 -16.76 12.43 -10.22
CA ARG A 231 -16.16 12.26 -8.90
C ARG A 231 -15.89 10.78 -8.74
N ARG A 232 -14.64 10.45 -8.47
CA ARG A 232 -14.22 9.06 -8.36
C ARG A 232 -13.34 8.82 -7.14
N TRP A 233 -13.50 7.66 -6.54
CA TRP A 233 -12.62 7.20 -5.46
C TRP A 233 -11.44 6.49 -6.09
N PHE A 234 -10.25 7.02 -5.89
CA PHE A 234 -9.02 6.48 -6.45
C PHE A 234 -8.26 5.64 -5.44
N ILE A 235 -7.68 4.54 -5.91
CA ILE A 235 -6.78 3.72 -5.10
C ILE A 235 -5.51 3.48 -5.90
N LEU A 236 -4.38 3.92 -5.34
CA LEU A 236 -3.07 3.66 -5.93
C LEU A 236 -2.43 2.48 -5.21
N THR A 237 -2.11 1.44 -5.96
CA THR A 237 -1.45 0.28 -5.36
C THR A 237 -0.76 -0.58 -6.41
N ASP A 238 0.37 -1.16 -6.03
CA ASP A 238 1.12 -2.07 -6.91
C ASP A 238 1.24 -1.59 -8.36
N ASN A 239 1.70 -0.35 -8.52
CA ASN A 239 1.98 0.28 -9.82
C ASN A 239 0.76 0.46 -10.72
N CYS A 240 -0.43 0.42 -10.14
CA CYS A 240 -1.66 0.69 -10.89
C CYS A 240 -2.46 1.77 -10.17
N LEU A 241 -3.12 2.60 -10.96
CA LEU A 241 -4.05 3.58 -10.41
C LEU A 241 -5.48 3.12 -10.75
N TYR A 242 -6.25 2.79 -9.72
CA TYR A 242 -7.63 2.34 -9.88
C TYR A 242 -8.57 3.46 -9.52
N TYR A 243 -9.74 3.46 -10.13
CA TYR A 243 -10.81 4.38 -9.69
C TYR A 243 -12.16 3.71 -9.68
N PHE A 244 -13.01 4.19 -8.78
CA PHE A 244 -14.29 3.60 -8.48
C PHE A 244 -15.33 4.69 -8.44
N GLU A 245 -16.58 4.33 -8.72
CA GLU A 245 -17.71 5.26 -8.55
C GLU A 245 -17.98 5.57 -7.07
N TYR A 246 -17.99 4.52 -6.25
CA TYR A 246 -18.30 4.64 -4.83
C TYR A 246 -17.32 3.85 -3.99
N THR A 247 -17.07 4.31 -2.76
CA THR A 247 -16.17 3.58 -1.85
C THR A 247 -16.71 2.19 -1.52
N THR A 248 -18.02 2.01 -1.72
CA THR A 248 -18.68 0.73 -1.46
C THR A 248 -18.59 -0.26 -2.64
N ASP A 249 -18.06 0.20 -3.78
CA ASP A 249 -17.89 -0.67 -4.95
C ASP A 249 -16.82 -1.71 -4.67
N LYS A 250 -17.05 -2.92 -5.16
CA LYS A 250 -16.09 -4.00 -4.94
C LYS A 250 -15.35 -4.38 -6.23
N GLU A 251 -15.59 -3.61 -7.28
CA GLU A 251 -14.92 -3.75 -8.59
C GLU A 251 -14.59 -2.36 -9.11
N PRO A 252 -13.44 -2.20 -9.78
CA PRO A 252 -13.05 -0.88 -10.26
C PRO A 252 -13.86 -0.45 -11.48
N ARG A 253 -14.11 0.85 -11.56
CA ARG A 253 -14.60 1.47 -12.79
C ARG A 253 -13.48 1.54 -13.82
N GLY A 254 -12.29 1.94 -13.38
CA GLY A 254 -11.15 2.07 -14.26
C GLY A 254 -9.84 1.55 -13.69
N ILE A 255 -8.97 1.11 -14.59
CA ILE A 255 -7.64 0.64 -14.23
C ILE A 255 -6.59 1.27 -15.15
N ILE A 256 -5.64 1.97 -14.55
CA ILE A 256 -4.54 2.59 -15.28
C ILE A 256 -3.19 2.05 -14.82
N PRO A 257 -2.64 1.07 -15.58
CA PRO A 257 -1.30 0.59 -15.29
C PRO A 257 -0.30 1.72 -15.45
N LEU A 258 0.49 1.98 -14.41
CA LEU A 258 1.41 3.12 -14.42
C LEU A 258 2.75 2.78 -15.09
N GLU A 259 2.72 2.70 -16.41
CA GLU A 259 3.88 2.29 -17.20
C GLU A 259 4.45 3.50 -17.96
N ASN A 260 5.65 3.93 -17.58
CA ASN A 260 6.33 5.06 -18.24
C ASN A 260 5.48 6.33 -18.39
N LEU A 261 4.66 6.62 -17.39
CA LEU A 261 3.88 7.85 -17.40
C LEU A 261 4.63 8.91 -16.61
N SER A 262 4.26 10.16 -16.84
CA SER A 262 4.77 11.29 -16.08
C SER A 262 3.60 12.10 -15.53
N ILE A 263 3.91 13.03 -14.64
CA ILE A 263 2.92 13.86 -13.98
C ILE A 263 3.33 15.32 -14.18
N ARG A 264 2.36 16.14 -14.57
CA ARG A 264 2.58 17.59 -14.68
C ARG A 264 1.44 18.35 -14.03
N GLU A 265 1.78 19.43 -13.36
CA GLU A 265 0.77 20.39 -12.88
C GLU A 265 0.20 21.13 -14.07
N VAL A 266 -1.12 21.31 -14.08
CA VAL A 266 -1.78 22.12 -15.11
C VAL A 266 -2.75 23.11 -14.47
N GLU A 267 -3.02 24.20 -15.17
CA GLU A 267 -4.08 25.12 -14.79
C GLU A 267 -5.35 24.77 -15.56
N ASP A 268 -6.47 24.75 -14.84
CA ASP A 268 -7.77 24.52 -15.42
C ASP A 268 -8.70 25.70 -15.07
N PRO A 269 -9.47 26.21 -16.05
CA PRO A 269 -10.35 27.37 -15.86
C PRO A 269 -11.51 27.16 -14.88
N ARG A 270 -11.87 25.91 -14.59
CA ARG A 270 -13.03 25.61 -13.73
C ARG A 270 -12.75 24.72 -12.52
N LYS A 271 -11.74 23.86 -12.61
CA LYS A 271 -11.43 22.95 -11.51
C LYS A 271 -10.10 23.32 -10.87
N PRO A 272 -10.02 23.22 -9.53
CA PRO A 272 -8.79 23.59 -8.84
C PRO A 272 -7.81 22.41 -8.71
N ASN A 273 -6.56 22.72 -8.41
CA ASN A 273 -5.56 21.74 -7.98
C ASN A 273 -5.43 20.58 -8.96
N CYS A 274 -5.16 20.92 -10.22
CA CYS A 274 -5.16 19.96 -11.30
C CYS A 274 -3.77 19.47 -11.68
N PHE A 275 -3.69 18.19 -12.03
CA PHE A 275 -2.49 17.64 -12.63
C PHE A 275 -2.90 16.72 -13.76
N GLU A 276 -1.94 16.36 -14.60
CA GLU A 276 -2.19 15.42 -15.68
C GLU A 276 -1.22 14.26 -15.64
N LEU A 277 -1.75 13.07 -15.92
CA LEU A 277 -0.94 11.90 -16.26
C LEU A 277 -0.83 11.88 -17.78
N TYR A 278 0.39 11.69 -18.28
CA TYR A 278 0.66 11.68 -19.71
C TYR A 278 1.93 10.89 -19.98
N ASN A 279 2.16 10.57 -21.25
CA ASN A 279 3.39 9.90 -21.65
C ASN A 279 4.27 10.90 -22.38
N PRO A 280 5.43 11.23 -21.80
CA PRO A 280 6.30 12.27 -22.35
C PRO A 280 6.94 11.88 -23.68
N SER A 281 7.08 10.57 -23.92
CA SER A 281 7.82 10.08 -25.08
C SER A 281 6.96 9.89 -26.31
N HIS A 282 5.65 9.76 -26.11
CA HIS A 282 4.72 9.49 -27.20
C HIS A 282 3.55 10.46 -27.11
N LYS A 283 3.83 11.74 -27.36
CA LYS A 283 2.80 12.77 -27.30
C LYS A 283 1.69 12.45 -28.30
N GLY A 284 0.44 12.49 -27.83
CA GLY A 284 -0.72 12.24 -28.70
C GLY A 284 -1.15 10.78 -28.77
N GLN A 285 -0.34 9.89 -28.21
CA GLN A 285 -0.67 8.46 -28.23
C GLN A 285 -1.53 8.08 -27.03
N VAL A 286 -2.47 7.16 -27.27
CA VAL A 286 -3.42 6.70 -26.27
C VAL A 286 -2.71 6.00 -25.10
N ILE A 287 -3.09 6.38 -23.88
CA ILE A 287 -2.55 5.76 -22.67
C ILE A 287 -3.27 4.43 -22.43
N LYS A 288 -2.51 3.38 -22.16
CA LYS A 288 -3.12 2.09 -21.87
C LYS A 288 -3.94 2.17 -20.57
N ALA A 289 -5.18 1.72 -20.66
CA ALA A 289 -6.11 1.75 -19.52
C ALA A 289 -7.32 0.95 -19.91
N CYS A 290 -8.12 0.57 -18.92
CA CYS A 290 -9.40 0.00 -19.23
C CYS A 290 -10.47 0.54 -18.29
N LYS A 291 -11.71 0.53 -18.75
CA LYS A 291 -12.82 0.95 -17.93
C LYS A 291 -13.99 0.03 -18.19
N THR A 292 -14.92 0.02 -17.25
CA THR A 292 -16.04 -0.88 -17.29
C THR A 292 -17.25 -0.16 -17.88
N GLU A 293 -17.90 -0.84 -18.82
CA GLU A 293 -19.14 -0.37 -19.44
C GLU A 293 -20.32 -0.83 -18.60
N ALA A 294 -21.51 -0.28 -18.89
CA ALA A 294 -22.72 -0.56 -18.11
C ALA A 294 -22.95 -2.06 -17.85
N ASP A 295 -22.67 -2.89 -18.85
CA ASP A 295 -22.88 -4.34 -18.75
C ASP A 295 -21.72 -5.10 -18.08
N GLY A 296 -20.73 -4.37 -17.57
CA GLY A 296 -19.62 -4.97 -16.86
C GLY A 296 -18.43 -5.38 -17.72
N ARG A 297 -18.58 -5.28 -19.04
CA ARG A 297 -17.49 -5.59 -19.95
C ARG A 297 -16.37 -4.53 -19.86
N VAL A 298 -15.14 -5.01 -19.69
CA VAL A 298 -13.99 -4.12 -19.67
C VAL A 298 -13.63 -3.71 -21.11
N VAL A 299 -13.37 -2.42 -21.33
CA VAL A 299 -12.93 -1.92 -22.65
C VAL A 299 -11.74 -0.98 -22.54
N GLU A 300 -11.02 -0.81 -23.65
CA GLU A 300 -9.83 0.03 -23.63
C GLU A 300 -10.21 1.49 -23.49
N GLY A 301 -9.37 2.23 -22.77
CA GLY A 301 -9.53 3.66 -22.61
C GLY A 301 -9.14 4.41 -23.87
N ASN A 302 -9.59 5.65 -23.96
CA ASN A 302 -9.34 6.51 -25.11
C ASN A 302 -8.49 7.73 -24.78
N HIS A 303 -7.98 7.80 -23.56
CA HIS A 303 -7.25 8.99 -23.10
C HIS A 303 -5.89 9.17 -23.72
N VAL A 304 -5.59 10.40 -24.10
CA VAL A 304 -4.21 10.80 -24.40
C VAL A 304 -3.57 11.45 -23.17
N VAL A 305 -4.41 12.05 -22.31
CA VAL A 305 -4.00 12.48 -20.96
C VAL A 305 -5.09 12.13 -19.96
N TYR A 306 -4.74 12.08 -18.67
CA TYR A 306 -5.73 12.03 -17.59
C TYR A 306 -5.59 13.30 -16.77
N ARG A 307 -6.57 14.20 -16.90
CA ARG A 307 -6.60 15.42 -16.11
C ARG A 307 -7.43 15.15 -14.88
N ILE A 308 -6.85 15.48 -13.73
CA ILE A 308 -7.42 15.14 -12.43
C ILE A 308 -7.35 16.38 -11.54
N SER A 309 -8.44 16.63 -10.82
CA SER A 309 -8.53 17.73 -9.87
C SER A 309 -8.63 17.18 -8.43
N ALA A 310 -7.79 17.72 -7.55
CA ALA A 310 -7.78 17.34 -6.14
C ALA A 310 -8.54 18.39 -5.31
N PRO A 311 -9.11 17.99 -4.16
CA PRO A 311 -9.93 18.93 -3.36
C PRO A 311 -9.16 20.04 -2.64
N SER A 312 -7.84 19.88 -2.50
CA SER A 312 -6.97 20.90 -1.89
C SER A 312 -5.59 20.84 -2.53
N PRO A 313 -4.80 21.94 -2.46
CA PRO A 313 -3.44 21.86 -3.00
C PRO A 313 -2.57 20.84 -2.23
N GLU A 314 -2.87 20.63 -0.95
CA GLU A 314 -2.14 19.66 -0.13
C GLU A 314 -2.33 18.23 -0.63
N GLU A 315 -3.58 17.87 -0.91
CA GLU A 315 -3.93 16.55 -1.44
C GLU A 315 -3.43 16.35 -2.87
N LYS A 316 -3.41 17.44 -3.65
CA LYS A 316 -2.77 17.42 -4.97
C LYS A 316 -1.30 17.03 -4.86
N GLU A 317 -0.57 17.71 -3.97
CA GLU A 317 0.85 17.42 -3.73
C GLU A 317 1.07 15.98 -3.28
N GLU A 318 0.22 15.50 -2.38
CA GLU A 318 0.29 14.11 -1.88
C GLU A 318 0.12 13.12 -3.02
N TRP A 319 -0.91 13.33 -3.83
CA TRP A 319 -1.20 12.45 -4.95
C TRP A 319 -0.07 12.45 -5.99
N MET A 320 0.45 13.63 -6.32
CA MET A 320 1.52 13.70 -7.32
C MET A 320 2.76 12.96 -6.84
N LYS A 321 3.11 13.15 -5.58
CA LYS A 321 4.29 12.51 -4.99
C LYS A 321 4.12 10.99 -4.99
N SER A 322 2.94 10.54 -4.56
CA SER A 322 2.63 9.11 -4.51
C SER A 322 2.65 8.46 -5.90
N ILE A 323 1.99 9.09 -6.85
CA ILE A 323 1.88 8.54 -8.21
C ILE A 323 3.26 8.45 -8.86
N LYS A 324 4.05 9.51 -8.74
CA LYS A 324 5.42 9.51 -9.24
C LYS A 324 6.28 8.37 -8.67
N ALA A 325 6.12 8.12 -7.37
CA ALA A 325 6.84 7.04 -6.69
C ALA A 325 6.40 5.64 -7.17
N SER A 326 5.19 5.55 -7.71
CA SER A 326 4.59 4.28 -8.09
C SER A 326 4.66 3.96 -9.58
N ILE A 327 5.22 4.87 -10.38
CA ILE A 327 5.39 4.63 -11.82
C ILE A 327 6.40 3.50 -12.05
N SER A 328 5.99 2.50 -12.84
CA SER A 328 6.90 1.47 -13.31
C SER A 328 7.64 2.05 -14.50
N ARG A 329 8.95 2.23 -14.37
CA ARG A 329 9.77 2.74 -15.46
C ARG A 329 10.66 1.66 -16.05
N ASP A 330 10.63 1.55 -17.37
CA ASP A 330 11.35 0.49 -18.07
C ASP A 330 11.35 0.72 -19.57
N PRO A 331 12.50 0.53 -20.23
CA PRO A 331 12.59 0.63 -21.69
C PRO A 331 11.57 -0.24 -22.43
N PHE A 332 11.20 -1.38 -21.84
CA PHE A 332 10.22 -2.31 -22.41
C PHE A 332 8.95 -1.64 -22.95
N TYR A 333 8.40 -0.70 -22.16
CA TYR A 333 7.16 -0.02 -22.54
C TYR A 333 7.33 0.86 -23.77
N ASP A 334 8.45 1.59 -23.83
CA ASP A 334 8.78 2.42 -24.98
C ASP A 334 9.04 1.55 -26.21
N MET A 335 9.71 0.41 -26.00
CA MET A 335 9.95 -0.58 -27.06
C MET A 335 8.65 -1.07 -27.70
N LEU A 336 7.68 -1.48 -26.87
CA LEU A 336 6.39 -1.93 -27.35
C LEU A 336 5.66 -0.85 -28.16
N ALA A 337 5.59 0.36 -27.62
CA ALA A 337 4.89 1.46 -28.30
C ALA A 337 5.51 1.75 -29.67
N THR A 338 6.84 1.86 -29.70
CA THR A 338 7.56 2.18 -30.94
C THR A 338 7.37 1.09 -32.01
N ARG A 339 7.53 -0.18 -31.62
CA ARG A 339 7.38 -1.28 -32.57
C ARG A 339 5.94 -1.37 -33.09
N LYS A 340 4.97 -1.19 -32.19
CA LYS A 340 3.57 -1.19 -32.59
C LYS A 340 3.26 -0.09 -33.60
N ARG A 341 3.77 1.11 -33.35
CA ARG A 341 3.48 2.26 -34.20
C ARG A 341 4.06 2.11 -35.61
N ARG A 342 5.23 1.47 -35.70
CA ARG A 342 5.88 1.25 -36.98
C ARG A 342 4.99 0.45 -37.92
N ILE A 343 4.44 -0.65 -37.43
CA ILE A 343 3.57 -1.51 -38.22
C ILE A 343 2.10 -1.23 -37.92
N ALA A 344 1.78 0.03 -37.65
CA ALA A 344 0.41 0.44 -37.35
C ALA A 344 -0.36 0.73 -38.63
N ASN A 345 -1.46 0.00 -38.91
CA ASN A 345 -2.08 0.27 -40.17
C ASN A 345 -3.39 1.00 -39.99
N LYS A 346 -3.42 2.26 -40.46
CA LYS A 346 -4.57 3.14 -40.39
C LYS A 346 -5.71 2.53 -41.17
N LYS A 347 -5.40 1.87 -42.31
CA LYS A 347 -6.35 1.28 -43.24
C LYS A 347 -7.20 0.23 -42.58
N GLY A 348 -6.63 -0.40 -41.52
CA GLY A 348 -7.21 -1.45 -40.75
C GLY A 348 -8.59 -1.03 -40.33
N LYS A 349 -8.81 0.24 -39.88
CA LYS A 349 -10.15 0.65 -39.52
C LYS A 349 -11.11 0.56 -40.71
N VAL A 350 -10.75 1.14 -41.90
CA VAL A 350 -11.63 1.21 -43.06
C VAL A 350 -11.89 -0.17 -43.64
N LEU A 351 -10.99 -1.11 -43.35
CA LEU A 351 -11.12 -2.48 -43.84
C LEU A 351 -11.87 -3.36 -42.85
N SER A 352 -11.71 -3.04 -41.57
CA SER A 352 -12.37 -3.80 -40.51
C SER A 352 -13.87 -3.55 -40.50
N LYS A 353 -14.26 -2.31 -40.82
CA LYS A 353 -15.68 -1.95 -40.85
C LYS A 353 -16.34 -2.42 -42.14
N ILE A 354 -15.55 -2.52 -43.21
CA ILE A 354 -16.06 -2.96 -44.50
C ILE A 354 -16.18 -4.47 -44.55
N PHE A 355 -15.10 -5.21 -44.22
CA PHE A 355 -15.16 -6.64 -44.24
C PHE A 355 -16.22 -6.97 -43.23
N GLY A 356 -16.37 -6.05 -42.25
CA GLY A 356 -17.37 -6.07 -41.23
C GLY A 356 -17.11 -7.33 -40.56
N ASN A 357 -15.81 -7.67 -40.53
CA ASN A 357 -15.42 -8.96 -40.11
C ASN A 357 -15.79 -9.19 -38.71
N LYS A 358 -16.45 -10.34 -38.49
CA LYS A 358 -16.59 -10.64 -37.07
C LYS A 358 -15.23 -10.93 -36.42
N GLU A 359 -15.21 -11.00 -35.10
CA GLU A 359 -13.96 -11.30 -34.35
C GLU A 359 -14.12 -12.19 -33.10
N MET A 360 -13.20 -12.10 -32.12
CA MET A 360 -13.26 -13.01 -30.98
C MET A 360 -12.54 -12.42 -29.77
N ARG A 361 -13.27 -12.26 -28.67
CA ARG A 361 -12.71 -11.70 -27.45
C ARG A 361 -12.01 -12.82 -26.67
N ILE A 362 -10.74 -12.61 -26.38
CA ILE A 362 -9.92 -13.62 -25.71
C ILE A 362 -9.41 -13.07 -24.39
N LEU A 363 -9.51 -13.89 -23.35
CA LEU A 363 -8.88 -13.61 -22.07
C LEU A 363 -7.71 -14.58 -21.91
N MET A 364 -6.52 -14.04 -21.73
CA MET A 364 -5.33 -14.88 -21.54
C MET A 364 -4.82 -14.80 -20.11
N LEU A 365 -4.88 -15.93 -19.41
CA LEU A 365 -4.53 -16.01 -18.00
C LEU A 365 -3.51 -17.11 -17.78
N GLY A 366 -2.96 -17.16 -16.57
CA GLY A 366 -1.92 -18.14 -16.23
C GLY A 366 -1.07 -17.55 -15.14
N LEU A 367 -0.27 -18.39 -14.49
CA LEU A 367 0.63 -17.92 -13.43
C LEU A 367 1.64 -16.93 -13.96
N ASP A 368 2.21 -16.11 -13.07
CA ASP A 368 3.29 -15.25 -13.47
C ASP A 368 4.38 -16.12 -14.09
N ALA A 369 5.06 -15.55 -15.09
CA ALA A 369 6.20 -16.18 -15.80
C ALA A 369 5.84 -17.31 -16.76
N ALA A 370 4.54 -17.58 -16.93
CA ALA A 370 4.10 -18.65 -17.82
C ALA A 370 4.46 -18.43 -19.30
N GLY A 371 4.47 -17.16 -19.75
CA GLY A 371 4.78 -16.81 -21.14
C GLY A 371 3.72 -15.98 -21.85
N LYS A 372 2.73 -15.50 -21.10
CA LYS A 372 1.55 -14.81 -21.68
C LYS A 372 1.91 -13.61 -22.55
N THR A 373 2.71 -12.69 -22.00
CA THR A 373 3.07 -11.47 -22.71
C THR A 373 3.99 -11.78 -23.92
N THR A 374 4.85 -12.77 -23.77
CA THR A 374 5.72 -13.18 -24.87
C THR A 374 4.89 -13.66 -26.06
N ILE A 375 3.87 -14.46 -25.77
CA ILE A 375 2.93 -14.99 -26.77
C ILE A 375 2.17 -13.83 -27.42
N LEU A 376 1.64 -12.94 -26.58
CA LEU A 376 0.88 -11.80 -27.10
C LEU A 376 1.64 -11.02 -28.18
N TYR A 377 2.88 -10.66 -27.88
CA TYR A 377 3.67 -9.82 -28.78
C TYR A 377 4.35 -10.58 -29.91
N LYS A 378 4.59 -11.88 -29.70
CA LYS A 378 4.99 -12.75 -30.81
C LYS A 378 3.90 -12.71 -31.88
N LEU A 379 2.64 -12.77 -31.44
CA LEU A 379 1.50 -12.71 -32.35
C LEU A 379 1.30 -11.31 -32.93
N LYS A 380 1.37 -10.29 -32.06
CA LYS A 380 1.07 -8.90 -32.49
C LYS A 380 2.18 -8.26 -33.32
N LEU A 381 3.43 -8.56 -32.99
CA LEU A 381 4.58 -7.90 -33.62
C LEU A 381 5.43 -8.83 -34.48
N GLY A 382 5.07 -10.10 -34.49
CA GLY A 382 5.83 -11.13 -35.24
C GLY A 382 7.25 -11.32 -34.73
N GLN A 383 7.48 -11.03 -33.45
CA GLN A 383 8.81 -11.16 -32.90
C GLN A 383 8.81 -11.46 -31.41
N SER A 384 9.86 -12.15 -30.97
CA SER A 384 10.03 -12.47 -29.57
C SER A 384 10.72 -11.28 -28.91
N VAL A 385 10.08 -10.75 -27.86
CA VAL A 385 10.63 -9.63 -27.12
C VAL A 385 11.05 -10.09 -25.74
N THR A 386 11.94 -9.34 -25.12
CA THR A 386 12.36 -9.57 -23.73
C THR A 386 11.37 -8.84 -22.82
N THR A 387 10.59 -9.62 -22.07
CA THR A 387 9.49 -9.07 -21.28
C THR A 387 9.93 -8.68 -19.89
N ILE A 388 9.08 -7.90 -19.22
CA ILE A 388 9.14 -7.70 -17.77
C ILE A 388 7.77 -8.11 -17.21
N PRO A 389 7.69 -8.42 -15.90
CA PRO A 389 6.41 -8.82 -15.34
C PRO A 389 5.34 -7.74 -15.55
N THR A 390 4.12 -8.21 -15.84
CA THR A 390 3.00 -7.33 -16.16
C THR A 390 2.27 -6.94 -14.88
N VAL A 391 2.25 -5.65 -14.58
CA VAL A 391 1.65 -5.16 -13.32
C VAL A 391 0.13 -5.08 -13.36
N GLY A 392 -0.42 -4.91 -14.56
CA GLY A 392 -1.86 -4.84 -14.76
C GLY A 392 -2.33 -5.79 -15.85
N PHE A 393 -2.29 -5.30 -17.09
CA PHE A 393 -2.70 -6.07 -18.25
C PHE A 393 -2.00 -5.50 -19.48
N ASN A 394 -2.00 -6.29 -20.56
CA ASN A 394 -1.70 -5.79 -21.88
C ASN A 394 -2.91 -6.17 -22.72
N VAL A 395 -3.22 -5.37 -23.74
CA VAL A 395 -4.33 -5.70 -24.61
C VAL A 395 -3.95 -5.38 -26.04
N GLU A 396 -4.15 -6.34 -26.94
CA GLU A 396 -3.84 -6.14 -28.35
C GLU A 396 -4.86 -6.87 -29.22
N THR A 397 -5.10 -6.34 -30.41
CA THR A 397 -5.95 -6.99 -31.39
C THR A 397 -5.05 -7.54 -32.48
N VAL A 398 -5.20 -8.84 -32.76
CA VAL A 398 -4.36 -9.54 -33.72
C VAL A 398 -5.28 -10.12 -34.80
N THR A 399 -4.97 -9.85 -36.07
CA THR A 399 -5.68 -10.47 -37.18
C THR A 399 -4.92 -11.71 -37.61
N TYR A 400 -5.64 -12.83 -37.67
CA TYR A 400 -5.07 -14.10 -38.07
C TYR A 400 -6.10 -14.88 -38.87
N LYS A 401 -5.75 -15.14 -40.13
CA LYS A 401 -6.59 -15.91 -41.04
C LYS A 401 -8.08 -15.53 -40.95
N ASN A 402 -8.32 -14.24 -41.16
CA ASN A 402 -9.67 -13.66 -41.28
C ASN A 402 -10.45 -13.53 -39.98
N VAL A 403 -9.77 -13.69 -38.84
CA VAL A 403 -10.40 -13.48 -37.54
C VAL A 403 -9.58 -12.48 -36.75
N LYS A 404 -10.27 -11.49 -36.19
CA LYS A 404 -9.63 -10.51 -35.34
C LYS A 404 -9.78 -10.92 -33.89
N PHE A 405 -8.65 -11.23 -33.26
CA PHE A 405 -8.64 -11.67 -31.86
C PHE A 405 -8.31 -10.49 -30.97
N ASN A 406 -9.25 -10.11 -30.11
CA ASN A 406 -9.03 -9.07 -29.13
C ASN A 406 -8.55 -9.76 -27.86
N VAL A 407 -7.25 -9.64 -27.60
CA VAL A 407 -6.60 -10.47 -26.57
C VAL A 407 -6.22 -9.66 -25.34
N TRP A 408 -6.80 -10.05 -24.21
CA TRP A 408 -6.53 -9.42 -22.92
C TRP A 408 -5.59 -10.32 -22.12
N ASP A 409 -4.36 -9.85 -21.94
CA ASP A 409 -3.31 -10.56 -21.21
C ASP A 409 -3.21 -9.94 -19.81
N VAL A 410 -3.73 -10.63 -18.82
CA VAL A 410 -3.77 -10.09 -17.46
C VAL A 410 -2.60 -10.60 -16.61
N GLY A 411 -1.97 -9.71 -15.85
CA GLY A 411 -0.83 -10.07 -15.01
C GLY A 411 -1.13 -11.24 -14.09
N GLY A 412 -0.17 -12.14 -13.95
CA GLY A 412 -0.40 -13.37 -13.20
C GLY A 412 0.21 -13.41 -11.80
N LEU A 413 0.83 -12.31 -11.37
CA LEU A 413 1.38 -12.26 -10.01
C LEU A 413 0.30 -12.49 -8.96
N ASP A 414 0.67 -13.18 -7.88
CA ASP A 414 -0.21 -13.43 -6.72
C ASP A 414 -1.23 -12.35 -6.42
N LYS A 415 -0.71 -11.16 -6.16
CA LYS A 415 -1.52 -10.03 -5.70
C LYS A 415 -2.63 -9.61 -6.68
N ILE A 416 -2.40 -9.87 -7.97
CA ILE A 416 -3.33 -9.50 -9.05
C ILE A 416 -4.46 -10.51 -9.26
N ARG A 417 -4.25 -11.77 -8.87
CA ARG A 417 -5.22 -12.82 -9.22
C ARG A 417 -6.67 -12.65 -8.73
N PRO A 418 -6.88 -12.07 -7.53
CA PRO A 418 -8.26 -11.82 -7.13
C PRO A 418 -8.98 -10.87 -8.10
N LEU A 419 -8.21 -10.11 -8.90
CA LEU A 419 -8.78 -9.21 -9.91
C LEU A 419 -9.11 -9.89 -11.26
N TRP A 420 -8.61 -11.11 -11.50
CA TRP A 420 -8.90 -11.81 -12.77
C TRP A 420 -10.39 -11.83 -13.13
N ARG A 421 -11.24 -12.04 -12.13
CA ARG A 421 -12.68 -12.16 -12.37
C ARG A 421 -13.24 -10.91 -13.05
N HIS A 422 -12.60 -9.77 -12.82
CA HIS A 422 -13.00 -8.48 -13.41
C HIS A 422 -13.08 -8.56 -14.93
N TYR A 423 -12.18 -9.35 -15.51
CA TYR A 423 -12.02 -9.38 -16.94
C TYR A 423 -12.87 -10.43 -17.65
N TYR A 424 -13.65 -11.21 -16.89
CA TYR A 424 -14.40 -12.32 -17.47
C TYR A 424 -15.46 -11.89 -18.48
N THR A 425 -16.22 -10.85 -18.15
CA THR A 425 -17.42 -10.49 -18.93
C THR A 425 -17.11 -10.32 -20.40
N GLY A 426 -17.81 -11.09 -21.23
CA GLY A 426 -17.69 -10.98 -22.68
C GLY A 426 -16.68 -11.94 -23.29
N THR A 427 -15.97 -12.67 -22.46
CA THR A 427 -14.93 -13.59 -22.95
C THR A 427 -15.52 -14.72 -23.79
N GLN A 428 -14.96 -14.92 -24.98
CA GLN A 428 -15.44 -15.96 -25.87
C GLN A 428 -14.47 -17.14 -25.91
N GLY A 429 -13.19 -16.86 -25.68
CA GLY A 429 -12.20 -17.92 -25.57
C GLY A 429 -11.24 -17.62 -24.44
N LEU A 430 -10.93 -18.64 -23.65
CA LEU A 430 -9.88 -18.55 -22.65
C LEU A 430 -8.60 -19.18 -23.18
N ILE A 431 -7.50 -18.42 -23.13
CA ILE A 431 -6.19 -19.00 -23.31
C ILE A 431 -5.55 -19.09 -21.92
N PHE A 432 -5.22 -20.30 -21.50
CA PHE A 432 -4.52 -20.49 -20.23
C PHE A 432 -3.13 -21.00 -20.54
N VAL A 433 -2.14 -20.22 -20.14
CA VAL A 433 -0.75 -20.50 -20.47
C VAL A 433 -0.08 -21.11 -19.26
N VAL A 434 0.65 -22.21 -19.48
CA VAL A 434 1.38 -22.91 -18.39
C VAL A 434 2.86 -23.09 -18.71
N ASP A 435 3.70 -22.87 -17.70
CA ASP A 435 5.13 -23.10 -17.82
C ASP A 435 5.35 -24.61 -17.61
N CYS A 436 5.66 -25.31 -18.70
CA CYS A 436 5.74 -26.77 -18.65
C CYS A 436 6.97 -27.30 -17.92
N ALA A 437 7.95 -26.45 -17.69
CA ALA A 437 9.14 -26.83 -16.92
C ALA A 437 8.94 -26.64 -15.43
N ASP A 438 7.89 -25.90 -15.05
CA ASP A 438 7.62 -25.61 -13.64
C ASP A 438 6.72 -26.67 -12.98
N ARG A 439 7.32 -27.78 -12.57
CA ARG A 439 6.58 -28.81 -11.84
C ARG A 439 6.20 -28.38 -10.42
N ASP A 440 6.97 -27.46 -9.84
CA ASP A 440 6.68 -26.95 -8.48
C ASP A 440 5.34 -26.22 -8.40
N ARG A 441 4.88 -25.69 -9.52
CA ARG A 441 3.69 -24.84 -9.52
C ARG A 441 2.56 -25.34 -10.42
N ILE A 442 2.69 -26.56 -10.94
CA ILE A 442 1.67 -27.10 -11.84
C ILE A 442 0.33 -27.35 -11.13
N ASP A 443 0.37 -27.73 -9.86
CA ASP A 443 -0.85 -27.98 -9.09
C ASP A 443 -1.57 -26.65 -8.79
N GLU A 444 -0.76 -25.62 -8.56
CA GLU A 444 -1.27 -24.26 -8.38
C GLU A 444 -1.96 -23.79 -9.67
N ALA A 445 -1.30 -24.02 -10.82
CA ALA A 445 -1.90 -23.69 -12.12
C ALA A 445 -3.23 -24.43 -12.31
N ARG A 446 -3.28 -25.70 -11.93
CA ARG A 446 -4.52 -26.48 -12.01
C ARG A 446 -5.63 -25.84 -11.17
N GLN A 447 -5.31 -25.48 -9.93
CA GLN A 447 -6.30 -24.85 -9.05
C GLN A 447 -6.86 -23.56 -9.67
N GLU A 448 -5.97 -22.71 -10.18
CA GLU A 448 -6.38 -21.45 -10.81
C GLU A 448 -7.27 -21.70 -12.04
N LEU A 449 -6.86 -22.61 -12.90
CA LEU A 449 -7.62 -22.92 -14.12
C LEU A 449 -9.06 -23.28 -13.81
N HIS A 450 -9.25 -24.19 -12.86
CA HIS A 450 -10.60 -24.66 -12.54
C HIS A 450 -11.48 -23.59 -11.89
N ARG A 451 -10.88 -22.73 -11.08
CA ARG A 451 -11.60 -21.57 -10.54
C ARG A 451 -12.12 -20.69 -11.68
N ILE A 452 -11.30 -20.48 -12.70
CA ILE A 452 -11.71 -19.67 -13.85
C ILE A 452 -12.87 -20.31 -14.61
N ILE A 453 -12.69 -21.56 -15.02
CA ILE A 453 -13.66 -22.18 -15.93
C ILE A 453 -14.99 -22.56 -15.24
N ASN A 454 -14.98 -22.60 -13.91
CA ASN A 454 -16.20 -22.88 -13.15
C ASN A 454 -17.01 -21.63 -12.85
N ASP A 455 -16.46 -20.45 -13.17
CA ASP A 455 -17.16 -19.19 -12.94
C ASP A 455 -18.36 -19.06 -13.86
N ARG A 456 -19.47 -18.58 -13.31
CA ARG A 456 -20.70 -18.41 -14.09
C ARG A 456 -20.50 -17.63 -15.40
N GLU A 457 -19.58 -16.66 -15.39
CA GLU A 457 -19.32 -15.83 -16.58
C GLU A 457 -18.41 -16.52 -17.60
N MET A 458 -17.86 -17.68 -17.24
CA MET A 458 -16.90 -18.37 -18.11
C MET A 458 -17.41 -19.73 -18.62
N ARG A 459 -18.67 -20.04 -18.31
CA ARG A 459 -19.26 -21.34 -18.67
C ARG A 459 -19.29 -21.65 -20.17
N ASP A 460 -19.37 -20.61 -21.00
CA ASP A 460 -19.49 -20.80 -22.45
C ASP A 460 -18.16 -20.69 -23.20
N ALA A 461 -17.10 -20.30 -22.51
CA ALA A 461 -15.80 -20.09 -23.15
C ALA A 461 -15.14 -21.40 -23.57
N ILE A 462 -14.67 -21.46 -24.81
CA ILE A 462 -13.80 -22.57 -25.23
C ILE A 462 -12.42 -22.35 -24.60
N ILE A 463 -11.71 -23.45 -24.35
CA ILE A 463 -10.50 -23.38 -23.55
C ILE A 463 -9.28 -23.84 -24.33
N LEU A 464 -8.39 -22.91 -24.64
CA LEU A 464 -7.09 -23.26 -25.21
C LEU A 464 -5.98 -23.17 -24.16
N ILE A 465 -5.33 -24.31 -23.91
CA ILE A 465 -4.16 -24.34 -23.04
C ILE A 465 -2.91 -24.26 -23.90
N PHE A 466 -2.05 -23.27 -23.66
CA PHE A 466 -0.73 -23.28 -24.26
C PHE A 466 0.19 -23.98 -23.28
N ALA A 467 0.61 -25.19 -23.65
CA ALA A 467 1.60 -25.91 -22.86
C ALA A 467 2.97 -25.37 -23.30
N ASN A 468 3.37 -24.29 -22.65
CA ASN A 468 4.47 -23.46 -23.10
C ASN A 468 5.84 -23.89 -22.57
N LYS A 469 6.89 -23.39 -23.20
CA LYS A 469 8.29 -23.68 -22.87
C LYS A 469 8.71 -25.13 -23.18
N GLN A 470 8.17 -25.67 -24.28
CA GLN A 470 8.50 -27.03 -24.75
C GLN A 470 9.97 -27.19 -25.12
N ASP A 471 10.66 -26.07 -25.33
CA ASP A 471 12.08 -26.05 -25.63
C ASP A 471 12.96 -26.47 -24.45
N LEU A 472 12.43 -26.33 -23.24
CA LEU A 472 13.20 -26.63 -22.03
C LEU A 472 13.31 -28.13 -21.74
N PRO A 473 14.49 -28.56 -21.23
CA PRO A 473 14.71 -29.96 -20.90
C PRO A 473 13.69 -30.45 -19.88
N ASP A 474 13.15 -31.65 -20.11
CA ASP A 474 12.24 -32.32 -19.18
C ASP A 474 10.89 -31.61 -19.02
N ALA A 475 10.61 -30.63 -19.88
CA ALA A 475 9.31 -29.95 -19.88
C ALA A 475 8.19 -30.96 -20.05
N MET A 476 7.13 -30.80 -19.28
CA MET A 476 5.95 -31.67 -19.38
C MET A 476 5.36 -31.61 -20.78
N LYS A 477 5.03 -32.80 -21.30
CA LYS A 477 4.44 -32.94 -22.63
C LYS A 477 2.92 -32.69 -22.54
N PRO A 478 2.27 -32.38 -23.69
CA PRO A 478 0.83 -32.14 -23.71
C PRO A 478 -0.02 -33.19 -22.99
N HIS A 479 0.33 -34.47 -23.11
CA HIS A 479 -0.42 -35.52 -22.43
C HIS A 479 -0.27 -35.44 -20.90
N GLU A 480 0.90 -35.06 -20.42
CA GLU A 480 1.14 -34.88 -18.99
C GLU A 480 0.38 -33.66 -18.46
N ILE A 481 0.41 -32.58 -19.24
CA ILE A 481 -0.33 -31.35 -18.92
C ILE A 481 -1.84 -31.62 -18.82
N GLN A 482 -2.35 -32.41 -19.77
CA GLN A 482 -3.76 -32.81 -19.75
C GLN A 482 -4.14 -33.47 -18.43
N GLU A 483 -3.27 -34.34 -17.93
CA GLU A 483 -3.48 -35.05 -16.68
C GLU A 483 -3.34 -34.11 -15.48
N LYS A 484 -2.23 -33.38 -15.44
CA LYS A 484 -1.86 -32.53 -14.32
C LYS A 484 -2.78 -31.33 -14.11
N LEU A 485 -3.44 -30.90 -15.19
CA LEU A 485 -4.40 -29.80 -15.10
C LEU A 485 -5.83 -30.31 -14.88
N GLY A 486 -5.97 -31.62 -14.77
CA GLY A 486 -7.26 -32.26 -14.50
C GLY A 486 -8.31 -32.03 -15.58
N LEU A 487 -7.86 -32.02 -16.84
CA LEU A 487 -8.75 -31.76 -17.97
C LEU A 487 -9.53 -32.98 -18.41
N THR A 488 -8.98 -34.17 -18.14
CA THR A 488 -9.57 -35.46 -18.53
C THR A 488 -10.97 -35.66 -17.92
N ARG A 489 -11.15 -35.21 -16.68
CA ARG A 489 -12.47 -35.25 -16.02
C ARG A 489 -13.50 -34.43 -16.79
N ILE A 490 -13.09 -33.22 -17.18
CA ILE A 490 -13.98 -32.27 -17.87
C ILE A 490 -14.29 -32.74 -19.30
N ARG A 491 -15.48 -33.30 -19.45
CA ARG A 491 -15.90 -33.93 -20.70
C ARG A 491 -17.08 -33.16 -21.31
N ASP A 492 -17.49 -32.09 -20.63
CA ASP A 492 -18.65 -31.28 -21.03
C ASP A 492 -18.24 -29.89 -21.53
N ARG A 493 -16.93 -29.67 -21.66
CA ARG A 493 -16.39 -28.41 -22.15
C ARG A 493 -15.48 -28.66 -23.35
N ASN A 494 -15.32 -27.63 -24.18
CA ASN A 494 -14.45 -27.73 -25.33
C ASN A 494 -13.06 -27.17 -25.02
N TRP A 495 -12.09 -28.08 -24.91
CA TRP A 495 -10.73 -27.70 -24.55
C TRP A 495 -9.69 -28.39 -25.40
N TYR A 496 -8.49 -27.84 -25.42
CA TYR A 496 -7.39 -28.39 -26.20
C TYR A 496 -6.05 -27.95 -25.61
N VAL A 497 -5.10 -28.88 -25.55
CA VAL A 497 -3.76 -28.59 -25.08
C VAL A 497 -2.80 -28.47 -26.27
N GLN A 498 -2.33 -27.25 -26.51
CA GLN A 498 -1.41 -26.96 -27.60
C GLN A 498 0.02 -26.79 -27.09
N PRO A 499 0.94 -27.69 -27.49
CA PRO A 499 2.34 -27.48 -27.15
C PRO A 499 2.88 -26.22 -27.80
N SER A 500 3.67 -25.44 -27.05
CA SER A 500 4.24 -24.22 -27.59
C SER A 500 5.62 -23.88 -27.04
N CYS A 501 6.35 -23.10 -27.84
CA CYS A 501 7.52 -22.39 -27.40
C CYS A 501 7.30 -20.96 -27.84
N ALA A 502 6.93 -20.10 -26.89
CA ALA A 502 6.58 -18.70 -27.21
C ALA A 502 7.74 -17.92 -27.80
N THR A 503 8.96 -18.28 -27.44
CA THR A 503 10.11 -17.50 -27.88
C THR A 503 10.50 -17.79 -29.34
N SER A 504 10.19 -19.00 -29.81
CA SER A 504 10.43 -19.36 -31.21
C SER A 504 9.16 -19.20 -32.05
N GLY A 505 8.01 -19.26 -31.38
CA GLY A 505 6.71 -19.11 -32.04
C GLY A 505 6.04 -20.44 -32.30
N ASP A 506 6.76 -21.53 -32.05
CA ASP A 506 6.26 -22.87 -32.29
C ASP A 506 4.93 -23.09 -31.57
N GLY A 507 3.90 -23.49 -32.33
CA GLY A 507 2.60 -23.83 -31.75
C GLY A 507 1.58 -22.70 -31.63
N LEU A 508 2.04 -21.46 -31.78
CA LEU A 508 1.14 -20.30 -31.57
C LEU A 508 0.06 -20.17 -32.62
N TYR A 509 0.48 -20.20 -33.90
CA TYR A 509 -0.50 -20.19 -34.98
C TYR A 509 -1.44 -21.40 -34.90
N GLU A 510 -0.90 -22.56 -34.52
CA GLU A 510 -1.70 -23.77 -34.34
C GLU A 510 -2.81 -23.57 -33.30
N GLY A 511 -2.47 -22.89 -32.20
CA GLY A 511 -3.44 -22.55 -31.17
C GLY A 511 -4.54 -21.61 -31.67
N LEU A 512 -4.15 -20.58 -32.42
CA LEU A 512 -5.15 -19.65 -33.00
C LEU A 512 -6.04 -20.36 -34.03
N THR A 513 -5.45 -21.26 -34.81
CA THR A 513 -6.22 -22.12 -35.72
C THR A 513 -7.28 -22.95 -34.97
N TRP A 514 -6.90 -23.51 -33.81
CA TRP A 514 -7.86 -24.27 -33.02
C TRP A 514 -9.02 -23.40 -32.54
N LEU A 515 -8.70 -22.19 -32.08
CA LEU A 515 -9.71 -21.26 -31.60
C LEU A 515 -10.76 -20.97 -32.68
N THR A 516 -10.28 -20.59 -33.86
CA THR A 516 -11.17 -20.33 -35.01
C THR A 516 -12.03 -21.55 -35.37
N SER A 517 -11.41 -22.72 -35.42
CA SER A 517 -12.11 -23.97 -35.74
C SER A 517 -13.22 -24.35 -34.74
N ASN A 518 -13.04 -23.96 -33.47
CA ASN A 518 -13.92 -24.44 -32.41
C ASN A 518 -14.88 -23.42 -31.81
N TYR A 519 -14.79 -22.18 -32.26
CA TYR A 519 -15.62 -21.11 -31.71
C TYR A 519 -17.01 -21.06 -32.35
N LYS A 520 -18.02 -21.32 -31.53
CA LYS A 520 -19.41 -21.26 -31.95
C LYS A 520 -20.26 -20.44 -30.98
#